data_8B5B
#
_entry.id   8B5B
#
_cell.length_a   39.508
_cell.length_b   51.780
_cell.length_c   170.739
_cell.angle_alpha   90.000
_cell.angle_beta   90.000
_cell.angle_gamma   90.000
#
_symmetry.space_group_name_H-M   'P 21 21 21'
#
loop_
_entity.id
_entity.type
_entity.pdbx_description
1 polymer 'Bromodomain-containing protein 4'
2 polymer H4K5acK8ApmTri
3 non-polymer DI(HYDROXYETHYL)ETHER
4 water water
#
loop_
_entity_poly.entity_id
_entity_poly.type
_entity_poly.pdbx_seq_one_letter_code
_entity_poly.pdbx_strand_id
1 'polypeptide(L)'
;GSHMNPPPPETSNPNKPKRQTNQLQYLLRVVLKTLWKHQFAWPFQQPVDAVKLNLPDYYKIIKTPMDMGTIKKRLENNYY
WNAQECIQDFNTMFTNCYIYNKPGDDIVLMAEALEKLFLQKINELPTEE
;
A,B,C
2 'polypeptide(L)' (ACE)SGRG(ALY)GG(P1V)GLGK D,E
#
# COMPACT_ATOMS: atom_id res chain seq x y z
N SER A 2 -8.72 -1.76 -15.19
CA SER A 2 -7.56 -0.90 -14.96
C SER A 2 -7.03 -1.05 -13.54
N HIS A 3 -7.93 -1.21 -12.58
CA HIS A 3 -7.54 -1.52 -11.21
C HIS A 3 -6.67 -2.77 -11.18
N MET A 4 -5.86 -2.88 -10.13
CA MET A 4 -4.99 -4.03 -9.95
C MET A 4 -5.27 -4.73 -8.63
N ASN A 5 -4.99 -6.03 -8.60
CA ASN A 5 -5.00 -6.79 -7.37
C ASN A 5 -3.74 -6.50 -6.56
N PRO A 6 -3.84 -6.47 -5.24
CA PRO A 6 -2.64 -6.38 -4.42
C PRO A 6 -1.89 -7.70 -4.45
N PRO A 7 -0.66 -7.74 -3.96
CA PRO A 7 0.00 -9.03 -3.77
C PRO A 7 -0.75 -9.83 -2.73
N PRO A 8 -0.77 -11.15 -2.87
CA PRO A 8 -1.46 -12.00 -1.88
C PRO A 8 -0.83 -11.85 -0.51
N PRO A 9 -1.52 -12.25 0.56
CA PRO A 9 -0.91 -12.20 1.89
C PRO A 9 0.34 -13.06 1.95
N GLU A 10 1.28 -12.65 2.81
CA GLU A 10 2.49 -13.42 3.01
C GLU A 10 2.14 -14.80 3.58
N THR A 11 2.82 -15.83 3.06
CA THR A 11 2.61 -17.19 3.54
C THR A 11 3.86 -17.81 4.16
N SER A 12 4.97 -17.06 4.24
CA SER A 12 6.20 -17.65 4.74
C SER A 12 7.13 -16.53 5.21
N ASN A 13 7.68 -16.69 6.41
CA ASN A 13 8.65 -15.76 6.97
C ASN A 13 9.77 -16.56 7.63
N PRO A 14 10.96 -16.63 7.03
CA PRO A 14 12.02 -17.50 7.59
C PRO A 14 12.56 -17.01 8.92
N ASN A 15 12.33 -15.76 9.29
CA ASN A 15 12.78 -15.28 10.59
C ASN A 15 11.84 -15.70 11.72
N LYS A 16 10.57 -15.94 11.42
CA LYS A 16 9.62 -16.32 12.45
C LYS A 16 9.88 -17.75 12.92
N PRO A 17 9.96 -18.00 14.22
CA PRO A 17 10.17 -19.38 14.68
C PRO A 17 8.98 -20.26 14.37
N LYS A 18 9.24 -21.56 14.29
CA LYS A 18 8.24 -22.53 13.89
C LYS A 18 8.05 -23.58 14.98
N ARG A 19 6.82 -24.09 15.07
CA ARG A 19 6.51 -25.17 16.00
C ARG A 19 5.31 -25.94 15.46
N GLN A 20 5.24 -27.22 15.82
CA GLN A 20 4.14 -28.09 15.41
C GLN A 20 3.37 -28.48 16.66
N THR A 21 2.14 -27.99 16.77
CA THR A 21 1.26 -28.34 17.88
C THR A 21 0.10 -29.16 17.38
N ASN A 22 -0.56 -29.85 18.31
CA ASN A 22 -1.74 -30.64 17.95
C ASN A 22 -2.85 -29.75 17.40
N GLN A 23 -2.97 -28.52 17.92
CA GLN A 23 -3.98 -27.59 17.42
C GLN A 23 -3.73 -27.25 15.96
N LEU A 24 -2.48 -26.96 15.59
CA LEU A 24 -2.19 -26.57 14.22
C LEU A 24 -2.35 -27.73 13.25
N GLN A 25 -1.83 -28.90 13.62
CA GLN A 25 -2.04 -30.10 12.80
C GLN A 25 -3.51 -30.38 12.60
N TYR A 26 -4.31 -30.22 13.66
CA TYR A 26 -5.75 -30.39 13.56
C TYR A 26 -6.36 -29.37 12.60
N LEU A 27 -5.94 -28.10 12.73
CA LEU A 27 -6.49 -27.06 11.87
C LEU A 27 -6.19 -27.34 10.41
N LEU A 28 -5.03 -27.92 10.11
CA LEU A 28 -4.69 -28.23 8.72
C LEU A 28 -5.43 -29.48 8.24
N ARG A 29 -5.31 -30.59 8.98
CA ARG A 29 -5.76 -31.88 8.48
C ARG A 29 -7.26 -32.08 8.58
N VAL A 30 -7.91 -31.45 9.56
CA VAL A 30 -9.35 -31.64 9.79
C VAL A 30 -10.14 -30.41 9.34
N VAL A 31 -9.86 -29.24 9.93
CA VAL A 31 -10.67 -28.06 9.67
C VAL A 31 -10.48 -27.58 8.22
N LEU A 32 -9.24 -27.20 7.88
CA LEU A 32 -8.99 -26.67 6.53
C LEU A 32 -9.34 -27.71 5.46
N LYS A 33 -8.96 -28.96 5.67
CA LYS A 33 -9.22 -30.00 4.66
C LYS A 33 -10.72 -30.24 4.49
N THR A 34 -11.49 -30.21 5.58
CA THR A 34 -12.92 -30.40 5.46
C THR A 34 -13.57 -29.25 4.72
N LEU A 35 -13.18 -28.01 5.04
CA LEU A 35 -13.77 -26.87 4.34
C LEU A 35 -13.33 -26.85 2.87
N TRP A 36 -12.12 -27.31 2.59
CA TRP A 36 -11.57 -27.24 1.23
C TRP A 36 -12.34 -28.12 0.26
N LYS A 37 -12.86 -29.26 0.73
CA LYS A 37 -13.57 -30.20 -0.13
C LYS A 37 -15.05 -29.89 -0.26
N HIS A 38 -15.57 -28.93 0.50
CA HIS A 38 -16.99 -28.61 0.49
C HIS A 38 -17.40 -28.06 -0.88
N GLN A 39 -18.68 -28.23 -1.19
CA GLN A 39 -19.23 -27.79 -2.47
C GLN A 39 -19.07 -26.29 -2.69
N PHE A 40 -19.00 -25.50 -1.62
CA PHE A 40 -18.93 -24.05 -1.72
C PHE A 40 -17.52 -23.51 -1.52
N ALA A 41 -16.51 -24.37 -1.53
CA ALA A 41 -15.15 -23.93 -1.21
C ALA A 41 -14.52 -23.11 -2.34
N TRP A 42 -14.90 -23.40 -3.59
CA TRP A 42 -14.14 -22.88 -4.74
C TRP A 42 -14.01 -21.35 -4.81
N PRO A 43 -14.98 -20.52 -4.38
CA PRO A 43 -14.72 -19.07 -4.39
C PRO A 43 -13.70 -18.64 -3.33
N PHE A 44 -13.35 -19.50 -2.39
CA PHE A 44 -12.50 -19.12 -1.27
C PHE A 44 -11.14 -19.83 -1.29
N GLN A 45 -10.83 -20.58 -2.33
CA GLN A 45 -9.59 -21.34 -2.38
C GLN A 45 -8.40 -20.53 -2.90
N GLN A 46 -8.60 -19.24 -3.13
CA GLN A 46 -7.55 -18.37 -3.68
C GLN A 46 -7.94 -16.93 -3.38
N PRO A 47 -6.98 -16.00 -3.41
CA PRO A 47 -7.33 -14.58 -3.19
C PRO A 47 -8.38 -14.11 -4.20
N VAL A 48 -9.26 -13.23 -3.73
CA VAL A 48 -10.26 -12.64 -4.63
C VAL A 48 -9.52 -11.91 -5.75
N ASP A 49 -9.81 -12.29 -7.00
CA ASP A 49 -9.20 -11.64 -8.16
C ASP A 49 -10.16 -10.56 -8.64
N ALA A 50 -9.96 -9.34 -8.14
CA ALA A 50 -10.85 -8.23 -8.49
C ALA A 50 -10.80 -7.91 -9.98
N VAL A 51 -9.68 -8.21 -10.64
CA VAL A 51 -9.60 -7.96 -12.07
C VAL A 51 -10.38 -9.00 -12.85
N LYS A 52 -10.16 -10.29 -12.56
CA LYS A 52 -10.84 -11.35 -13.29
C LYS A 52 -12.33 -11.41 -12.98
N LEU A 53 -12.75 -10.89 -11.83
CA LEU A 53 -14.16 -10.89 -11.44
C LEU A 53 -14.84 -9.55 -11.67
N ASN A 54 -14.10 -8.55 -12.15
CA ASN A 54 -14.63 -7.21 -12.42
C ASN A 54 -15.23 -6.59 -11.16
N LEU A 55 -14.39 -6.46 -10.13
CA LEU A 55 -14.75 -5.84 -8.86
C LEU A 55 -13.77 -4.70 -8.60
N PRO A 56 -13.92 -3.56 -9.28
CA PRO A 56 -12.95 -2.46 -9.11
C PRO A 56 -12.95 -1.87 -7.72
N ASP A 57 -13.99 -2.08 -6.92
CA ASP A 57 -14.10 -1.49 -5.59
C ASP A 57 -13.84 -2.48 -4.48
N TYR A 58 -13.39 -3.69 -4.79
CA TYR A 58 -13.27 -4.72 -3.75
C TYR A 58 -12.19 -4.34 -2.73
N TYR A 59 -11.00 -4.02 -3.21
CA TYR A 59 -9.91 -3.66 -2.32
C TYR A 59 -9.95 -2.19 -1.90
N LYS A 60 -10.99 -1.45 -2.31
CA LYS A 60 -11.29 -0.18 -1.67
C LYS A 60 -12.16 -0.40 -0.44
N ILE A 61 -12.92 -1.49 -0.41
CA ILE A 61 -13.78 -1.83 0.71
C ILE A 61 -13.11 -2.84 1.65
N ILE A 62 -12.37 -3.79 1.09
CA ILE A 62 -11.73 -4.84 1.86
C ILE A 62 -10.23 -4.52 1.94
N LYS A 63 -9.79 -4.09 3.12
CA LYS A 63 -8.38 -3.82 3.38
C LYS A 63 -7.67 -4.94 4.10
N THR A 64 -8.37 -6.04 4.42
CA THR A 64 -7.80 -7.18 5.14
C THR A 64 -8.15 -8.46 4.41
N PRO A 65 -7.64 -8.66 3.19
CA PRO A 65 -8.01 -9.84 2.42
C PRO A 65 -7.46 -11.12 3.02
N MET A 66 -8.21 -12.21 2.87
CA MET A 66 -7.82 -13.52 3.35
C MET A 66 -8.63 -14.58 2.62
N ASP A 67 -8.01 -15.73 2.40
CA ASP A 67 -8.63 -16.83 1.66
C ASP A 67 -8.08 -18.15 2.20
N MET A 68 -8.75 -19.24 1.82
CA MET A 68 -8.36 -20.55 2.34
C MET A 68 -7.05 -21.04 1.72
N GLY A 69 -6.74 -20.60 0.49
CA GLY A 69 -5.45 -20.95 -0.09
C GLY A 69 -4.30 -20.36 0.72
N THR A 70 -4.42 -19.10 1.10
CA THR A 70 -3.43 -18.46 1.95
C THR A 70 -3.30 -19.19 3.29
N ILE A 71 -4.44 -19.53 3.91
CA ILE A 71 -4.42 -20.22 5.20
C ILE A 71 -3.74 -21.59 5.06
N LYS A 72 -4.06 -22.31 4.00
CA LYS A 72 -3.45 -23.61 3.76
C LYS A 72 -1.94 -23.48 3.61
N LYS A 73 -1.48 -22.50 2.81
CA LYS A 73 -0.05 -22.33 2.61
C LYS A 73 0.65 -21.90 3.90
N ARG A 74 -0.02 -21.08 4.71
CA ARG A 74 0.54 -20.66 6.00
C ARG A 74 0.67 -21.85 6.95
N LEU A 75 -0.36 -22.70 7.02
CA LEU A 75 -0.28 -23.89 7.85
C LEU A 75 0.82 -24.81 7.38
N GLU A 76 0.94 -24.99 6.06
CA GLU A 76 1.97 -25.87 5.52
C GLU A 76 3.37 -25.32 5.74
N ASN A 77 3.53 -24.00 5.81
CA ASN A 77 4.83 -23.40 6.03
C ASN A 77 5.14 -23.18 7.51
N ASN A 78 4.26 -23.63 8.41
CA ASN A 78 4.39 -23.36 9.84
C ASN A 78 4.49 -21.85 10.10
N TYR A 79 3.67 -21.09 9.37
CA TYR A 79 3.66 -19.64 9.52
C TYR A 79 2.95 -19.21 10.80
N TYR A 80 1.97 -20.00 11.25
CA TYR A 80 1.25 -19.69 12.48
C TYR A 80 2.01 -20.24 13.68
N TRP A 81 2.16 -19.41 14.71
CA TRP A 81 2.68 -19.87 16.00
C TRP A 81 1.55 -20.26 16.96
N ASN A 82 0.51 -19.43 17.07
CA ASN A 82 -0.67 -19.73 17.85
C ASN A 82 -1.82 -20.13 16.93
N ALA A 83 -2.64 -21.08 17.38
CA ALA A 83 -3.80 -21.50 16.59
C ALA A 83 -4.77 -20.34 16.38
N GLN A 84 -4.81 -19.40 17.33
CA GLN A 84 -5.73 -18.27 17.21
C GLN A 84 -5.43 -17.41 15.98
N GLU A 85 -4.17 -17.39 15.53
CA GLU A 85 -3.87 -16.70 14.27
C GLU A 85 -4.60 -17.34 13.11
N CYS A 86 -4.66 -18.67 13.10
CA CYS A 86 -5.34 -19.35 12.00
C CYS A 86 -6.85 -19.14 12.09
N ILE A 87 -7.41 -19.24 13.30
CA ILE A 87 -8.83 -19.01 13.48
C ILE A 87 -9.20 -17.59 13.09
N GLN A 88 -8.35 -16.62 13.45
CA GLN A 88 -8.60 -15.23 13.08
C GLN A 88 -8.59 -15.05 11.57
N ASP A 89 -7.68 -15.75 10.87
CA ASP A 89 -7.67 -15.66 9.41
C ASP A 89 -8.97 -16.21 8.81
N PHE A 90 -9.45 -17.33 9.33
CA PHE A 90 -10.76 -17.86 8.89
C PHE A 90 -11.86 -16.84 9.10
N ASN A 91 -11.92 -16.27 10.30
CA ASN A 91 -12.95 -15.30 10.63
C ASN A 91 -12.84 -14.07 9.75
N THR A 92 -11.63 -13.64 9.43
CA THR A 92 -11.45 -12.48 8.57
C THR A 92 -11.96 -12.75 7.16
N MET A 93 -11.68 -13.95 6.62
CA MET A 93 -12.23 -14.32 5.31
C MET A 93 -13.75 -14.21 5.31
N PHE A 94 -14.40 -14.83 6.30
CA PHE A 94 -15.85 -14.76 6.38
C PHE A 94 -16.33 -13.31 6.50
N THR A 95 -15.66 -12.51 7.34
CA THR A 95 -16.08 -11.14 7.58
C THR A 95 -15.97 -10.30 6.30
N ASN A 96 -14.89 -10.50 5.53
CA ASN A 96 -14.75 -9.79 4.26
C ASN A 96 -15.91 -10.10 3.36
N CYS A 97 -16.28 -11.38 3.27
CA CYS A 97 -17.38 -11.77 2.39
C CYS A 97 -18.69 -11.15 2.87
N TYR A 98 -18.91 -11.09 4.19
CA TYR A 98 -20.14 -10.53 4.71
C TYR A 98 -20.21 -9.02 4.51
N ILE A 99 -19.06 -8.35 4.54
CA ILE A 99 -19.07 -6.90 4.41
C ILE A 99 -19.18 -6.48 2.95
N TYR A 100 -18.41 -7.11 2.05
CA TYR A 100 -18.39 -6.65 0.67
C TYR A 100 -19.70 -6.95 -0.04
N ASN A 101 -20.26 -8.13 0.18
CA ASN A 101 -21.45 -8.56 -0.55
C ASN A 101 -22.72 -8.24 0.22
N LYS A 102 -23.85 -8.32 -0.48
CA LYS A 102 -25.12 -8.04 0.17
C LYS A 102 -25.68 -9.30 0.83
N PRO A 103 -26.38 -9.15 1.95
CA PRO A 103 -27.04 -10.32 2.54
C PRO A 103 -28.04 -10.91 1.57
N GLY A 104 -28.04 -12.24 1.48
CA GLY A 104 -28.88 -12.93 0.54
C GLY A 104 -28.22 -13.24 -0.79
N ASP A 105 -27.10 -12.60 -1.10
CA ASP A 105 -26.31 -13.02 -2.25
C ASP A 105 -25.85 -14.46 -2.05
N ASP A 106 -25.80 -15.22 -3.13
CA ASP A 106 -25.45 -16.63 -3.04
C ASP A 106 -24.09 -16.81 -2.36
N ILE A 107 -23.15 -15.90 -2.62
CA ILE A 107 -21.82 -16.02 -2.03
C ILE A 107 -21.87 -15.88 -0.51
N VAL A 108 -22.77 -15.02 0.00
CA VAL A 108 -22.90 -14.86 1.44
C VAL A 108 -23.50 -16.12 2.07
N LEU A 109 -24.49 -16.73 1.42
CA LEU A 109 -25.05 -17.96 1.96
C LEU A 109 -24.01 -19.09 1.94
N MET A 110 -23.20 -19.15 0.88
CA MET A 110 -22.11 -20.12 0.83
C MET A 110 -21.13 -19.89 1.98
N ALA A 111 -20.74 -18.63 2.19
CA ALA A 111 -19.82 -18.32 3.27
C ALA A 111 -20.42 -18.67 4.62
N GLU A 112 -21.73 -18.44 4.80
CA GLU A 112 -22.37 -18.76 6.07
C GLU A 112 -22.37 -20.27 6.32
N ALA A 113 -22.64 -21.06 5.27
CA ALA A 113 -22.57 -22.52 5.41
C ALA A 113 -21.16 -22.96 5.77
N LEU A 114 -20.16 -22.36 5.11
CA LEU A 114 -18.76 -22.69 5.42
C LEU A 114 -18.42 -22.31 6.86
N GLU A 115 -18.96 -21.19 7.35
CA GLU A 115 -18.65 -20.76 8.71
C GLU A 115 -19.32 -21.69 9.73
N LYS A 116 -20.55 -22.14 9.45
CA LYS A 116 -21.19 -23.12 10.33
C LYS A 116 -20.34 -24.39 10.42
N LEU A 117 -19.86 -24.87 9.27
CA LEU A 117 -18.99 -26.04 9.27
C LEU A 117 -17.70 -25.77 10.03
N PHE A 118 -17.12 -24.59 9.84
CA PHE A 118 -15.88 -24.21 10.52
C PHE A 118 -16.07 -24.24 12.04
N LEU A 119 -17.16 -23.67 12.53
CA LEU A 119 -17.42 -23.67 13.96
C LEU A 119 -17.63 -25.09 14.48
N GLN A 120 -18.38 -25.91 13.74
CA GLN A 120 -18.53 -27.31 14.13
C GLN A 120 -17.18 -28.02 14.20
N LYS A 121 -16.28 -27.72 13.28
CA LYS A 121 -15.01 -28.46 13.23
C LYS A 121 -14.03 -27.97 14.29
N ILE A 122 -14.04 -26.67 14.59
CA ILE A 122 -13.13 -26.16 15.63
C ILE A 122 -13.66 -26.39 17.03
N ASN A 123 -14.94 -26.75 17.18
CA ASN A 123 -15.43 -27.14 18.50
C ASN A 123 -14.58 -28.24 19.12
N GLU A 124 -14.12 -29.20 18.32
CA GLU A 124 -13.32 -30.32 18.80
C GLU A 124 -11.82 -30.06 18.63
N LEU A 125 -11.36 -28.85 18.93
CA LEU A 125 -9.95 -28.51 18.82
C LEU A 125 -9.21 -28.99 20.08
N PRO A 126 -8.04 -29.63 19.93
CA PRO A 126 -7.29 -30.07 21.11
C PRO A 126 -6.85 -28.89 21.97
N THR A 127 -6.53 -29.19 23.22
CA THR A 127 -6.14 -28.16 24.17
C THR A 127 -4.73 -27.65 23.87
N GLU A 128 -4.47 -26.42 24.33
CA GLU A 128 -3.18 -25.77 24.13
C GLU A 128 -2.06 -26.48 24.88
N HIS B 3 28.67 4.14 -19.74
CA HIS B 3 27.62 3.54 -18.93
C HIS B 3 26.82 4.60 -18.18
N MET B 4 25.54 4.32 -17.95
CA MET B 4 24.64 5.24 -17.26
CA MET B 4 24.67 5.24 -17.24
C MET B 4 23.86 4.49 -16.20
N ASN B 5 23.23 5.24 -15.31
CA ASN B 5 22.40 4.63 -14.29
C ASN B 5 21.06 4.21 -14.87
N PRO B 6 20.45 3.16 -14.35
CA PRO B 6 19.09 2.80 -14.76
C PRO B 6 18.09 3.76 -14.14
N PRO B 7 16.85 3.77 -14.62
CA PRO B 7 15.81 4.51 -13.92
C PRO B 7 15.63 3.95 -12.52
N PRO B 8 15.24 4.78 -11.57
CA PRO B 8 15.04 4.28 -10.20
C PRO B 8 13.88 3.32 -10.15
N PRO B 9 13.77 2.51 -9.09
CA PRO B 9 12.59 1.65 -8.95
C PRO B 9 11.32 2.47 -8.89
N GLU B 10 10.22 1.87 -9.34
CA GLU B 10 8.94 2.55 -9.30
C GLU B 10 8.48 2.72 -7.86
N THR B 11 7.83 3.85 -7.59
CA THR B 11 7.41 4.19 -6.25
C THR B 11 5.93 4.55 -6.13
N SER B 12 5.24 4.76 -7.25
CA SER B 12 3.84 5.16 -7.20
C SER B 12 3.11 4.54 -8.38
N ASN B 13 1.97 3.93 -8.10
CA ASN B 13 1.11 3.36 -9.13
C ASN B 13 -0.34 3.72 -8.84
N PRO B 14 -0.98 4.52 -9.70
CA PRO B 14 -2.36 4.94 -9.41
C PRO B 14 -3.36 3.79 -9.42
N ASN B 15 -3.02 2.64 -9.99
CA ASN B 15 -3.93 1.51 -10.04
C ASN B 15 -3.69 0.50 -8.91
N LYS B 16 -2.62 0.67 -8.12
CA LYS B 16 -2.39 -0.21 -6.97
C LYS B 16 -3.28 0.21 -5.82
N PRO B 17 -3.97 -0.72 -5.17
CA PRO B 17 -4.84 -0.35 -4.05
C PRO B 17 -4.05 0.16 -2.85
N LYS B 18 -4.75 0.88 -1.99
CA LYS B 18 -4.13 1.60 -0.88
C LYS B 18 -4.62 1.04 0.46
N ARG B 19 -3.68 0.84 1.37
CA ARG B 19 -3.99 0.50 2.75
C ARG B 19 -2.75 0.77 3.58
N GLN B 20 -2.96 1.03 4.86
CA GLN B 20 -1.84 1.20 5.79
C GLN B 20 -2.18 0.43 7.06
N THR B 21 -1.48 -0.67 7.27
CA THR B 21 -1.64 -1.47 8.47
C THR B 21 -0.81 -0.89 9.60
N ASN B 22 -0.98 -1.45 10.80
CA ASN B 22 -0.13 -1.05 11.92
C ASN B 22 1.34 -1.31 11.61
N GLN B 23 1.63 -2.44 10.96
CA GLN B 23 3.01 -2.75 10.63
C GLN B 23 3.61 -1.75 9.65
N LEU B 24 2.82 -1.33 8.65
CA LEU B 24 3.33 -0.36 7.68
C LEU B 24 3.55 1.00 8.33
N GLN B 25 2.64 1.42 9.21
CA GLN B 25 2.80 2.68 9.92
C GLN B 25 4.02 2.64 10.83
N TYR B 26 4.27 1.49 11.47
CA TYR B 26 5.48 1.34 12.27
C TYR B 26 6.73 1.40 11.42
N LEU B 27 6.72 0.69 10.28
CA LEU B 27 7.88 0.69 9.39
C LEU B 27 8.18 2.09 8.86
N LEU B 28 7.16 2.92 8.66
CA LEU B 28 7.43 4.29 8.22
C LEU B 28 7.88 5.17 9.38
N ARG B 29 7.10 5.19 10.47
CA ARG B 29 7.31 6.17 11.54
C ARG B 29 8.46 5.81 12.48
N VAL B 30 8.82 4.53 12.60
CA VAL B 30 9.83 4.09 13.55
C VAL B 30 11.07 3.53 12.84
N VAL B 31 10.88 2.52 11.98
CA VAL B 31 12.02 1.85 11.37
C VAL B 31 12.72 2.77 10.38
N LEU B 32 12.00 3.16 9.32
CA LEU B 32 12.58 4.06 8.32
C LEU B 32 13.06 5.35 8.97
N LYS B 33 12.31 5.89 9.93
CA LYS B 33 12.71 7.14 10.58
C LYS B 33 14.01 6.97 11.35
N THR B 34 14.11 5.91 12.15
CA THR B 34 15.34 5.66 12.90
C THR B 34 16.53 5.48 11.97
N LEU B 35 16.37 4.69 10.91
CA LEU B 35 17.50 4.47 10.01
C LEU B 35 17.86 5.73 9.23
N TRP B 36 16.88 6.55 8.88
CA TRP B 36 17.12 7.73 8.05
C TRP B 36 17.88 8.80 8.81
N LYS B 37 17.74 8.86 10.13
CA LYS B 37 18.43 9.83 10.97
C LYS B 37 19.78 9.33 11.44
N HIS B 38 20.18 8.11 11.08
CA HIS B 38 21.47 7.59 11.49
C HIS B 38 22.59 8.28 10.74
N GLN B 39 23.76 8.36 11.39
CA GLN B 39 24.90 9.03 10.77
C GLN B 39 25.43 8.27 9.55
N PHE B 40 25.13 6.98 9.44
CA PHE B 40 25.58 6.18 8.31
C PHE B 40 24.51 6.05 7.23
N ALA B 41 23.47 6.87 7.28
CA ALA B 41 22.35 6.71 6.37
C ALA B 41 22.61 7.32 4.99
N TRP B 42 23.47 8.33 4.91
CA TRP B 42 23.56 9.13 3.69
C TRP B 42 23.92 8.33 2.43
N PRO B 43 24.76 7.30 2.44
CA PRO B 43 25.04 6.59 1.18
C PRO B 43 23.88 5.72 0.72
N PHE B 44 22.83 5.58 1.53
CA PHE B 44 21.69 4.74 1.20
C PHE B 44 20.40 5.53 1.02
N GLN B 45 20.43 6.86 1.14
CA GLN B 45 19.24 7.69 1.04
C GLN B 45 18.83 7.97 -0.40
N GLN B 46 19.50 7.36 -1.37
CA GLN B 46 19.22 7.58 -2.78
C GLN B 46 19.84 6.43 -3.57
N PRO B 47 19.42 6.22 -4.82
CA PRO B 47 20.01 5.13 -5.62
C PRO B 47 21.52 5.31 -5.76
N VAL B 48 22.21 4.17 -5.84
CA VAL B 48 23.65 4.19 -6.07
C VAL B 48 23.93 4.84 -7.42
N ASP B 49 24.76 5.89 -7.42
CA ASP B 49 25.12 6.60 -8.64
C ASP B 49 26.42 5.99 -9.17
N ALA B 50 26.28 5.08 -10.13
CA ALA B 50 27.44 4.37 -10.66
C ALA B 50 28.33 5.27 -11.52
N VAL B 51 27.78 6.32 -12.11
CA VAL B 51 28.58 7.22 -12.94
C VAL B 51 29.40 8.16 -12.06
N LYS B 52 28.79 8.72 -11.02
CA LYS B 52 29.53 9.62 -10.14
C LYS B 52 30.61 8.90 -9.37
N LEU B 53 30.38 7.64 -8.99
CA LEU B 53 31.36 6.87 -8.23
C LEU B 53 32.29 6.04 -9.10
N ASN B 54 32.15 6.13 -10.44
CA ASN B 54 32.98 5.38 -11.38
C ASN B 54 32.93 3.89 -11.09
N LEU B 55 31.72 3.34 -11.06
CA LEU B 55 31.49 1.90 -10.85
C LEU B 55 30.75 1.36 -12.07
N PRO B 56 31.45 1.15 -13.19
CA PRO B 56 30.76 0.69 -14.41
C PRO B 56 30.19 -0.70 -14.29
N ASP B 57 30.62 -1.48 -13.30
CA ASP B 57 30.18 -2.85 -13.12
C ASP B 57 29.07 -3.01 -12.10
N TYR B 58 28.68 -1.93 -11.40
CA TYR B 58 27.70 -2.07 -10.32
C TYR B 58 26.39 -2.66 -10.83
N TYR B 59 25.81 -2.03 -11.85
CA TYR B 59 24.54 -2.51 -12.38
C TYR B 59 24.71 -3.69 -13.33
N LYS B 60 25.92 -4.20 -13.47
CA LYS B 60 26.14 -5.53 -14.03
C LYS B 60 26.13 -6.60 -12.96
N ILE B 61 26.48 -6.24 -11.73
CA ILE B 61 26.53 -7.17 -10.60
C ILE B 61 25.23 -7.10 -9.82
N ILE B 62 24.62 -5.93 -9.76
CA ILE B 62 23.42 -5.68 -8.97
C ILE B 62 22.27 -5.47 -9.95
N LYS B 63 21.41 -6.48 -10.10
CA LYS B 63 20.27 -6.42 -11.00
C LYS B 63 18.97 -6.05 -10.30
N THR B 64 18.97 -5.97 -8.97
CA THR B 64 17.81 -5.54 -8.19
C THR B 64 18.23 -4.43 -7.23
N PRO B 65 18.46 -3.22 -7.73
CA PRO B 65 18.87 -2.14 -6.85
C PRO B 65 17.73 -1.69 -5.94
N MET B 66 18.11 -1.14 -4.79
CA MET B 66 17.15 -0.68 -3.79
C MET B 66 17.88 0.26 -2.85
N ASP B 67 17.15 1.27 -2.37
CA ASP B 67 17.72 2.28 -1.49
C ASP B 67 16.62 2.81 -0.58
N MET B 68 17.05 3.48 0.50
CA MET B 68 16.10 3.93 1.52
C MET B 68 15.23 5.07 1.03
N GLY B 69 15.69 5.84 0.04
CA GLY B 69 14.81 6.85 -0.54
C GLY B 69 13.64 6.25 -1.28
N THR B 70 13.91 5.20 -2.07
CA THR B 70 12.84 4.46 -2.73
C THR B 70 11.89 3.85 -1.70
N ILE B 71 12.45 3.28 -0.62
CA ILE B 71 11.62 2.69 0.43
C ILE B 71 10.71 3.75 1.06
N LYS B 72 11.27 4.93 1.35
CA LYS B 72 10.49 6.00 1.95
C LYS B 72 9.33 6.40 1.04
N LYS B 73 9.62 6.58 -0.25
CA LYS B 73 8.57 6.93 -1.20
C LYS B 73 7.50 5.85 -1.29
N ARG B 74 7.91 4.58 -1.33
CA ARG B 74 6.96 3.47 -1.44
C ARG B 74 6.08 3.37 -0.19
N LEU B 75 6.65 3.68 0.97
CA LEU B 75 5.83 3.73 2.19
C LEU B 75 4.86 4.90 2.15
N GLU B 76 5.33 6.08 1.71
CA GLU B 76 4.47 7.25 1.71
C GLU B 76 3.35 7.13 0.68
N ASN B 77 3.66 6.58 -0.50
CA ASN B 77 2.68 6.47 -1.58
CA ASN B 77 2.69 6.46 -1.58
C ASN B 77 1.77 5.25 -1.44
N ASN B 78 1.91 4.47 -0.37
CA ASN B 78 1.16 3.23 -0.21
C ASN B 78 1.41 2.26 -1.36
N TYR B 79 2.63 2.31 -1.90
CA TYR B 79 3.04 1.33 -2.91
C TYR B 79 3.07 -0.07 -2.30
N TYR B 80 3.52 -0.17 -1.05
CA TYR B 80 3.51 -1.44 -0.32
C TYR B 80 2.10 -1.78 0.13
N TRP B 81 1.68 -3.02 -0.16
CA TRP B 81 0.47 -3.58 0.43
C TRP B 81 0.77 -4.42 1.67
N ASN B 82 1.87 -5.17 1.66
CA ASN B 82 2.29 -5.99 2.78
C ASN B 82 3.56 -5.42 3.40
N ALA B 83 3.67 -5.53 4.73
CA ALA B 83 4.91 -5.16 5.41
C ALA B 83 6.09 -5.97 4.88
N GLN B 84 5.84 -7.23 4.51
CA GLN B 84 6.89 -8.09 3.97
C GLN B 84 7.59 -7.45 2.78
N GLU B 85 6.84 -6.73 1.92
CA GLU B 85 7.47 -6.05 0.79
C GLU B 85 8.49 -5.02 1.26
N CYS B 86 8.17 -4.29 2.32
CA CYS B 86 9.09 -3.27 2.80
C CYS B 86 10.30 -3.92 3.45
N ILE B 87 10.09 -4.96 4.26
CA ILE B 87 11.20 -5.67 4.89
C ILE B 87 12.09 -6.30 3.82
N GLN B 88 11.49 -6.82 2.75
CA GLN B 88 12.26 -7.43 1.67
C GLN B 88 13.10 -6.38 0.95
N ASP B 89 12.56 -5.17 0.80
CA ASP B 89 13.34 -4.11 0.17
C ASP B 89 14.53 -3.71 1.05
N PHE B 90 14.32 -3.60 2.36
CA PHE B 90 15.45 -3.33 3.26
C PHE B 90 16.52 -4.42 3.13
N ASN B 91 16.09 -5.68 3.15
CA ASN B 91 17.03 -6.78 3.03
C ASN B 91 17.74 -6.76 1.68
N THR B 92 17.03 -6.40 0.61
CA THR B 92 17.65 -6.32 -0.71
C THR B 92 18.71 -5.22 -0.75
N MET B 93 18.43 -4.08 -0.12
CA MET B 93 19.43 -3.02 -0.04
C MET B 93 20.69 -3.50 0.67
N PHE B 94 20.52 -4.10 1.84
CA PHE B 94 21.66 -4.59 2.61
C PHE B 94 22.44 -5.66 1.84
N THR B 95 21.73 -6.61 1.23
CA THR B 95 22.39 -7.71 0.53
C THR B 95 23.11 -7.21 -0.71
N ASN B 96 22.53 -6.26 -1.43
CA ASN B 96 23.22 -5.63 -2.55
C ASN B 96 24.56 -5.04 -2.10
N CYS B 97 24.53 -4.29 -0.99
CA CYS B 97 25.77 -3.70 -0.49
C CYS B 97 26.80 -4.77 -0.13
N TYR B 98 26.36 -5.84 0.55
CA TYR B 98 27.28 -6.90 0.93
C TYR B 98 27.82 -7.67 -0.28
N ILE B 99 27.05 -7.72 -1.36
CA ILE B 99 27.44 -8.46 -2.55
C ILE B 99 28.45 -7.67 -3.37
N TYR B 100 28.16 -6.39 -3.60
CA TYR B 100 29.01 -5.61 -4.50
C TYR B 100 30.34 -5.25 -3.85
N ASN B 101 30.32 -4.88 -2.57
CA ASN B 101 31.50 -4.32 -1.92
C ASN B 101 32.27 -5.40 -1.15
N LYS B 102 33.59 -5.20 -1.08
CA LYS B 102 34.45 -6.16 -0.41
C LYS B 102 34.33 -6.01 1.10
N PRO B 103 34.35 -7.12 1.85
CA PRO B 103 34.25 -7.02 3.31
C PRO B 103 35.41 -6.20 3.87
N GLY B 104 35.10 -5.38 4.87
CA GLY B 104 36.06 -4.45 5.42
C GLY B 104 35.97 -3.05 4.85
N ASP B 105 35.20 -2.85 3.78
CA ASP B 105 35.00 -1.52 3.24
C ASP B 105 34.10 -0.71 4.15
N ASP B 106 34.32 0.61 4.17
CA ASP B 106 33.53 1.49 5.01
C ASP B 106 32.03 1.31 4.79
N ILE B 107 31.61 1.20 3.52
CA ILE B 107 30.19 1.10 3.20
C ILE B 107 29.58 -0.17 3.78
N VAL B 108 30.35 -1.26 3.83
CA VAL B 108 29.83 -2.51 4.39
C VAL B 108 29.61 -2.37 5.89
N LEU B 109 30.55 -1.73 6.60
CA LEU B 109 30.37 -1.52 8.03
C LEU B 109 29.18 -0.60 8.31
N MET B 110 29.01 0.43 7.48
CA MET B 110 27.85 1.31 7.63
C MET B 110 26.55 0.55 7.41
N ALA B 111 26.50 -0.29 6.37
CA ALA B 111 25.32 -1.10 6.12
C ALA B 111 25.05 -2.05 7.28
N GLU B 112 26.09 -2.63 7.86
CA GLU B 112 25.85 -3.60 8.93
C GLU B 112 25.40 -2.93 10.22
N ALA B 113 25.90 -1.73 10.51
CA ALA B 113 25.35 -0.97 11.64
C ALA B 113 23.88 -0.64 11.40
N LEU B 114 23.56 -0.17 10.18
CA LEU B 114 22.17 0.14 9.85
C LEU B 114 21.29 -1.10 9.97
N GLU B 115 21.80 -2.26 9.55
CA GLU B 115 21.00 -3.49 9.60
C GLU B 115 20.82 -3.98 11.03
N LYS B 116 21.83 -3.81 11.89
CA LYS B 116 21.65 -4.15 13.29
C LYS B 116 20.57 -3.28 13.91
N LEU B 117 20.60 -1.97 13.63
CA LEU B 117 19.52 -1.09 14.08
C LEU B 117 18.17 -1.53 13.52
N PHE B 118 18.15 -1.90 12.24
CA PHE B 118 16.92 -2.33 11.57
C PHE B 118 16.31 -3.55 12.26
N LEU B 119 17.12 -4.57 12.53
CA LEU B 119 16.61 -5.76 13.19
C LEU B 119 16.15 -5.43 14.62
N GLN B 120 16.90 -4.57 15.32
CA GLN B 120 16.48 -4.16 16.66
C GLN B 120 15.09 -3.51 16.62
N LYS B 121 14.83 -2.66 15.63
CA LYS B 121 13.53 -2.00 15.53
C LYS B 121 12.45 -2.94 15.01
N ILE B 122 12.81 -3.89 14.16
CA ILE B 122 11.83 -4.84 13.61
C ILE B 122 11.36 -5.78 14.70
N ASN B 123 12.21 -6.04 15.70
CA ASN B 123 11.82 -6.90 16.82
C ASN B 123 10.53 -6.43 17.48
N GLU B 124 10.25 -5.13 17.46
CA GLU B 124 9.06 -4.57 18.10
C GLU B 124 7.97 -4.23 17.10
N LEU B 125 7.93 -4.93 15.97
CA LEU B 125 6.90 -4.67 14.96
C LEU B 125 5.54 -5.12 15.49
N PRO B 126 4.49 -4.35 15.22
CA PRO B 126 3.14 -4.72 15.70
C PRO B 126 2.64 -6.00 15.03
N THR B 127 1.58 -6.55 15.61
CA THR B 127 0.93 -7.73 15.08
C THR B 127 -0.12 -7.38 14.02
N GLY C 1 -11.18 13.12 19.16
CA GLY C 1 -12.56 13.41 19.49
C GLY C 1 -13.53 12.44 18.85
N SER C 2 -14.82 12.70 18.99
CA SER C 2 -15.86 11.86 18.42
C SER C 2 -16.30 12.32 17.03
N HIS C 3 -15.70 13.37 16.49
CA HIS C 3 -16.09 13.87 15.17
C HIS C 3 -15.87 12.79 14.12
N MET C 4 -16.68 12.85 13.06
CA MET C 4 -16.68 11.83 12.02
C MET C 4 -16.33 12.46 10.68
N ASN C 5 -15.77 11.63 9.80
CA ASN C 5 -15.64 12.00 8.41
C ASN C 5 -17.00 11.95 7.73
N PRO C 6 -17.24 12.83 6.76
CA PRO C 6 -18.41 12.67 5.89
C PRO C 6 -18.16 11.58 4.89
N PRO C 7 -19.20 11.10 4.20
CA PRO C 7 -18.95 10.22 3.06
C PRO C 7 -18.10 10.92 2.03
N PRO C 8 -17.38 10.16 1.21
CA PRO C 8 -16.61 10.77 0.11
C PRO C 8 -17.55 11.35 -0.93
N PRO C 9 -17.08 12.28 -1.75
CA PRO C 9 -17.93 12.77 -2.86
C PRO C 9 -18.37 11.61 -3.73
N GLU C 10 -19.57 11.73 -4.29
CA GLU C 10 -20.09 10.69 -5.16
C GLU C 10 -19.18 10.55 -6.38
N THR C 11 -18.95 9.31 -6.80
CA THR C 11 -18.09 9.03 -7.94
C THR C 11 -18.78 8.31 -9.08
N SER C 12 -20.00 7.80 -8.88
CA SER C 12 -20.69 7.00 -9.87
C SER C 12 -22.18 7.32 -9.82
N ASN C 13 -22.81 7.35 -10.99
CA ASN C 13 -24.27 7.49 -11.08
C ASN C 13 -24.76 6.89 -12.39
N PRO C 14 -25.41 5.73 -12.35
CA PRO C 14 -25.89 5.10 -13.60
C PRO C 14 -26.90 5.93 -14.37
N ASN C 15 -27.52 6.93 -13.74
CA ASN C 15 -28.48 7.76 -14.43
C ASN C 15 -27.81 8.85 -15.26
N LYS C 16 -26.59 9.24 -14.93
CA LYS C 16 -25.92 10.28 -15.69
C LYS C 16 -25.54 9.75 -17.08
N PRO C 17 -25.68 10.57 -18.13
CA PRO C 17 -25.27 10.13 -19.46
C PRO C 17 -23.76 10.05 -19.57
N LYS C 18 -23.30 9.19 -20.48
CA LYS C 18 -21.88 8.87 -20.62
C LYS C 18 -21.36 9.34 -21.97
N ARG C 19 -20.19 9.97 -21.97
CA ARG C 19 -19.53 10.32 -23.21
C ARG C 19 -18.03 10.36 -22.97
N GLN C 20 -17.27 10.04 -24.01
CA GLN C 20 -15.83 10.12 -23.98
C GLN C 20 -15.40 11.24 -24.91
N THR C 21 -14.68 12.23 -24.37
CA THR C 21 -14.13 13.31 -25.17
C THR C 21 -12.62 13.23 -25.12
N ASN C 22 -11.97 13.87 -26.10
CA ASN C 22 -10.52 13.92 -26.11
C ASN C 22 -9.98 14.54 -24.83
N GLN C 23 -10.63 15.60 -24.34
CA GLN C 23 -10.18 16.26 -23.12
C GLN C 23 -10.30 15.33 -21.92
N LEU C 24 -11.42 14.61 -21.77
CA LEU C 24 -11.58 13.71 -20.64
C LEU C 24 -10.58 12.55 -20.70
N GLN C 25 -10.34 12.04 -21.90
CA GLN C 25 -9.34 10.99 -22.07
C GLN C 25 -7.95 11.47 -21.67
N TYR C 26 -7.59 12.69 -22.09
CA TYR C 26 -6.28 13.24 -21.72
C TYR C 26 -6.20 13.47 -20.22
N LEU C 27 -7.29 13.97 -19.62
CA LEU C 27 -7.28 14.26 -18.19
C LEU C 27 -7.08 13.00 -17.37
N LEU C 28 -7.71 11.89 -17.78
CA LEU C 28 -7.53 10.65 -17.02
C LEU C 28 -6.20 9.97 -17.34
N ARG C 29 -5.93 9.74 -18.62
CA ARG C 29 -4.81 8.88 -19.01
C ARG C 29 -3.47 9.61 -19.05
N VAL C 30 -3.45 10.94 -18.98
CA VAL C 30 -2.20 11.68 -19.05
C VAL C 30 -2.03 12.60 -17.84
N VAL C 31 -2.99 13.52 -17.65
CA VAL C 31 -2.83 14.54 -16.62
C VAL C 31 -2.87 13.92 -15.23
N LEU C 32 -3.94 13.17 -14.93
CA LEU C 32 -4.10 12.61 -13.59
C LEU C 32 -3.02 11.59 -13.28
N LYS C 33 -2.66 10.75 -14.24
CA LYS C 33 -1.60 9.76 -14.01
C LYS C 33 -0.26 10.44 -13.71
N THR C 34 0.11 11.41 -14.55
CA THR C 34 1.34 12.16 -14.35
C THR C 34 1.36 12.79 -12.96
N LEU C 35 0.30 13.51 -12.60
CA LEU C 35 0.25 14.14 -11.29
C LEU C 35 0.34 13.10 -10.18
N TRP C 36 -0.42 12.01 -10.30
CA TRP C 36 -0.47 10.98 -9.25
C TRP C 36 0.91 10.41 -8.97
N LYS C 37 1.74 10.25 -10.01
CA LYS C 37 3.04 9.65 -9.78
C LYS C 37 4.09 10.64 -9.29
N HIS C 38 3.76 11.91 -9.11
CA HIS C 38 4.70 12.88 -8.58
C HIS C 38 5.01 12.60 -7.12
N GLN C 39 6.24 12.91 -6.69
CA GLN C 39 6.68 12.55 -5.35
C GLN C 39 5.97 13.34 -4.25
N PHE C 40 5.25 14.40 -4.58
CA PHE C 40 4.52 15.17 -3.59
C PHE C 40 3.02 14.87 -3.60
N ALA C 41 2.55 13.92 -4.41
CA ALA C 41 1.13 13.73 -4.65
C ALA C 41 0.43 12.90 -3.58
N TRP C 42 1.17 12.14 -2.77
CA TRP C 42 0.51 11.16 -1.89
C TRP C 42 -0.46 11.75 -0.88
N PRO C 43 -0.28 12.96 -0.32
CA PRO C 43 -1.31 13.49 0.59
C PRO C 43 -2.64 13.82 -0.08
N PHE C 44 -2.70 13.84 -1.42
CA PHE C 44 -3.90 14.23 -2.15
C PHE C 44 -4.56 13.06 -2.87
N GLN C 45 -4.11 11.83 -2.62
CA GLN C 45 -4.59 10.68 -3.38
C GLN C 45 -5.85 10.05 -2.77
N GLN C 46 -6.38 10.63 -1.69
CA GLN C 46 -7.52 10.05 -0.99
C GLN C 46 -8.23 11.16 -0.23
N PRO C 47 -9.49 10.96 0.15
CA PRO C 47 -10.19 11.98 0.96
C PRO C 47 -9.45 12.21 2.27
N VAL C 48 -9.49 13.46 2.74
CA VAL C 48 -8.85 13.80 4.01
C VAL C 48 -9.56 13.06 5.14
N ASP C 49 -8.81 12.22 5.86
CA ASP C 49 -9.35 11.48 6.99
C ASP C 49 -9.10 12.28 8.25
N ALA C 50 -10.12 13.05 8.67
CA ALA C 50 -9.96 13.90 9.84
C ALA C 50 -9.88 13.11 11.13
N VAL C 51 -10.28 11.84 11.13
CA VAL C 51 -10.18 11.04 12.34
C VAL C 51 -8.76 10.49 12.50
N LYS C 52 -8.21 9.91 11.44
CA LYS C 52 -6.86 9.36 11.51
C LYS C 52 -5.82 10.46 11.72
N LEU C 53 -6.00 11.62 11.08
CA LEU C 53 -5.06 12.72 11.14
C LEU C 53 -5.33 13.69 12.28
N ASN C 54 -6.37 13.44 13.06
CA ASN C 54 -6.72 14.27 14.23
C ASN C 54 -6.94 15.73 13.83
N LEU C 55 -7.92 15.92 12.93
CA LEU C 55 -8.27 17.24 12.41
C LEU C 55 -9.73 17.53 12.73
N PRO C 56 -10.04 17.84 14.00
CA PRO C 56 -11.45 18.07 14.37
C PRO C 56 -12.05 19.31 13.72
N ASP C 57 -11.24 20.17 13.13
CA ASP C 57 -11.72 21.40 12.53
C ASP C 57 -11.81 21.34 11.00
N TYR C 58 -11.39 20.24 10.38
CA TYR C 58 -11.22 20.25 8.92
C TYR C 58 -12.54 20.45 8.21
N TYR C 59 -13.55 19.64 8.53
CA TYR C 59 -14.84 19.71 7.87
C TYR C 59 -15.75 20.78 8.46
N LYS C 60 -15.25 21.56 9.41
CA LYS C 60 -15.86 22.84 9.75
C LYS C 60 -15.35 23.97 8.87
N ILE C 61 -14.14 23.82 8.34
CA ILE C 61 -13.53 24.82 7.48
C ILE C 61 -13.73 24.49 6.00
N ILE C 62 -13.62 23.21 5.65
CA ILE C 62 -13.72 22.76 4.26
C ILE C 62 -15.10 22.13 4.07
N LYS C 63 -15.99 22.84 3.37
CA LYS C 63 -17.32 22.32 3.10
C LYS C 63 -17.44 21.71 1.71
N THR C 64 -16.39 21.77 0.90
CA THR C 64 -16.37 21.15 -0.43
C THR C 64 -15.07 20.37 -0.59
N PRO C 65 -14.96 19.22 0.09
CA PRO C 65 -13.73 18.44 -0.01
C PRO C 65 -13.58 17.83 -1.40
N MET C 66 -12.32 17.62 -1.79
CA MET C 66 -12.03 17.01 -3.07
C MET C 66 -10.61 16.44 -3.01
N ASP C 67 -10.39 15.36 -3.75
CA ASP C 67 -9.09 14.70 -3.77
C ASP C 67 -8.93 14.00 -5.11
N MET C 68 -7.69 13.62 -5.40
CA MET C 68 -7.36 13.02 -6.68
C MET C 68 -7.91 11.61 -6.81
N GLY C 69 -8.06 10.87 -5.71
CA GLY C 69 -8.68 9.56 -5.80
C GLY C 69 -10.14 9.66 -6.25
N THR C 70 -10.87 10.62 -5.69
CA THR C 70 -12.24 10.87 -6.13
C THR C 70 -12.27 11.30 -7.60
N ILE C 71 -11.35 12.18 -8.01
CA ILE C 71 -11.34 12.64 -9.40
C ILE C 71 -11.05 11.48 -10.34
N LYS C 72 -10.10 10.62 -9.97
CA LYS C 72 -9.80 9.45 -10.78
C LYS C 72 -11.03 8.56 -10.92
N LYS C 73 -11.69 8.25 -9.81
CA LYS C 73 -12.89 7.42 -9.88
C LYS C 73 -13.98 8.08 -10.73
N ARG C 74 -14.12 9.40 -10.63
CA ARG C 74 -15.15 10.09 -11.41
C ARG C 74 -14.86 9.99 -12.90
N LEU C 75 -13.59 10.12 -13.28
CA LEU C 75 -13.22 9.94 -14.69
C LEU C 75 -13.46 8.50 -15.13
N GLU C 76 -13.13 7.53 -14.27
CA GLU C 76 -13.25 6.13 -14.68
C GLU C 76 -14.72 5.70 -14.81
N ASN C 77 -15.62 6.36 -14.08
CA ASN C 77 -17.03 5.99 -14.07
C ASN C 77 -17.89 6.94 -14.91
N ASN C 78 -17.27 7.72 -15.80
CA ASN C 78 -17.97 8.68 -16.65
C ASN C 78 -18.85 9.63 -15.85
N TYR C 79 -18.42 9.95 -14.62
CA TYR C 79 -19.16 10.92 -13.81
C TYR C 79 -19.15 12.31 -14.43
N TYR C 80 -18.08 12.64 -15.15
CA TYR C 80 -17.92 13.95 -15.76
C TYR C 80 -18.49 13.96 -17.17
N TRP C 81 -19.27 14.98 -17.49
CA TRP C 81 -19.68 15.24 -18.86
C TRP C 81 -18.79 16.27 -19.54
N ASN C 82 -18.48 17.37 -18.84
CA ASN C 82 -17.59 18.41 -19.34
C ASN C 82 -16.22 18.29 -18.66
N ALA C 83 -15.16 18.61 -19.41
CA ALA C 83 -13.82 18.58 -18.85
C ALA C 83 -13.64 19.61 -17.75
N GLN C 84 -14.37 20.72 -17.83
CA GLN C 84 -14.28 21.77 -16.82
C GLN C 84 -14.74 21.29 -15.44
N GLU C 85 -15.65 20.31 -15.38
CA GLU C 85 -16.00 19.74 -14.08
C GLU C 85 -14.77 19.12 -13.41
N CYS C 86 -13.98 18.39 -14.19
CA CYS C 86 -12.76 17.78 -13.67
C CYS C 86 -11.73 18.86 -13.28
N ILE C 87 -11.52 19.84 -14.16
CA ILE C 87 -10.57 20.91 -13.86
C ILE C 87 -10.98 21.65 -12.60
N GLN C 88 -12.27 21.93 -12.46
CA GLN C 88 -12.79 22.59 -11.27
C GLN C 88 -12.53 21.75 -10.02
N ASP C 89 -12.69 20.42 -10.13
CA ASP C 89 -12.41 19.57 -8.97
C ASP C 89 -10.94 19.64 -8.56
N PHE C 90 -10.03 19.63 -9.54
CA PHE C 90 -8.61 19.81 -9.25
C PHE C 90 -8.36 21.14 -8.54
N ASN C 91 -8.93 22.22 -9.07
CA ASN C 91 -8.74 23.53 -8.45
C ASN C 91 -9.31 23.58 -7.04
N THR C 92 -10.46 22.93 -6.83
CA THR C 92 -11.05 22.87 -5.50
C THR C 92 -10.12 22.17 -4.53
N MET C 93 -9.56 21.02 -4.93
CA MET C 93 -8.58 20.33 -4.10
C MET C 93 -7.43 21.23 -3.70
N PHE C 94 -6.85 21.94 -4.67
CA PHE C 94 -5.72 22.82 -4.36
C PHE C 94 -6.13 23.94 -3.41
N THR C 95 -7.23 24.63 -3.72
CA THR C 95 -7.62 25.77 -2.89
C THR C 95 -8.02 25.33 -1.49
N ASN C 96 -8.64 24.16 -1.35
CA ASN C 96 -8.91 23.61 -0.02
C ASN C 96 -7.62 23.45 0.77
N CYS C 97 -6.60 22.82 0.15
CA CYS C 97 -5.33 22.67 0.84
C CYS C 97 -4.80 24.01 1.32
N TYR C 98 -4.86 25.04 0.45
CA TYR C 98 -4.34 26.35 0.83
C TYR C 98 -5.17 27.01 1.92
N ILE C 99 -6.47 26.75 1.95
CA ILE C 99 -7.35 27.40 2.92
C ILE C 99 -7.15 26.79 4.31
N TYR C 100 -7.06 25.46 4.39
CA TYR C 100 -7.03 24.83 5.71
C TYR C 100 -5.64 24.89 6.33
N ASN C 101 -4.60 24.57 5.56
CA ASN C 101 -3.28 24.38 6.14
C ASN C 101 -2.54 25.71 6.28
N LYS C 102 -1.67 25.77 7.28
CA LYS C 102 -0.88 26.97 7.51
C LYS C 102 0.12 27.17 6.38
N PRO C 103 0.39 28.43 6.00
CA PRO C 103 1.22 28.70 4.81
C PRO C 103 2.60 28.06 4.82
N GLY C 104 3.22 27.90 5.99
CA GLY C 104 4.54 27.31 6.02
C GLY C 104 4.58 25.79 6.02
N ASP C 105 3.44 25.13 6.09
CA ASP C 105 3.39 23.68 6.25
C ASP C 105 3.87 22.97 4.98
N ASP C 106 4.39 21.75 5.19
CA ASP C 106 4.93 20.95 4.09
C ASP C 106 3.90 20.76 2.98
N ILE C 107 2.65 20.45 3.36
CA ILE C 107 1.64 20.07 2.38
C ILE C 107 1.31 21.26 1.48
N VAL C 108 1.52 22.48 1.95
CA VAL C 108 1.26 23.65 1.12
C VAL C 108 2.30 23.75 0.00
N LEU C 109 3.58 23.54 0.34
CA LEU C 109 4.61 23.53 -0.69
C LEU C 109 4.40 22.38 -1.68
N MET C 110 3.97 21.23 -1.17
CA MET C 110 3.68 20.10 -2.05
C MET C 110 2.54 20.44 -3.00
N ALA C 111 1.46 21.02 -2.47
CA ALA C 111 0.34 21.41 -3.32
C ALA C 111 0.77 22.44 -4.36
N GLU C 112 1.64 23.38 -3.98
CA GLU C 112 2.08 24.40 -4.92
C GLU C 112 2.86 23.79 -6.08
N ALA C 113 3.78 22.86 -5.78
CA ALA C 113 4.51 22.18 -6.85
C ALA C 113 3.55 21.39 -7.74
N LEU C 114 2.63 20.64 -7.12
CA LEU C 114 1.68 19.84 -7.88
C LEU C 114 0.82 20.73 -8.78
N GLU C 115 0.37 21.87 -8.25
CA GLU C 115 -0.48 22.78 -9.02
C GLU C 115 0.29 23.37 -10.20
N LYS C 116 1.56 23.72 -10.01
CA LYS C 116 2.37 24.18 -11.15
C LYS C 116 2.40 23.11 -12.23
N LEU C 117 2.69 21.87 -11.84
CA LEU C 117 2.70 20.78 -12.82
C LEU C 117 1.34 20.61 -13.49
N PHE C 118 0.26 20.73 -12.72
CA PHE C 118 -1.09 20.56 -13.25
C PHE C 118 -1.39 21.60 -14.31
N LEU C 119 -1.01 22.86 -14.06
CA LEU C 119 -1.24 23.90 -15.06
C LEU C 119 -0.42 23.66 -16.32
N GLN C 120 0.84 23.24 -16.15
CA GLN C 120 1.65 22.93 -17.34
C GLN C 120 1.06 21.77 -18.12
N LYS C 121 0.47 20.78 -17.44
CA LYS C 121 -0.10 19.63 -18.12
C LYS C 121 -1.43 19.96 -18.79
N ILE C 122 -2.26 20.78 -18.15
CA ILE C 122 -3.54 21.13 -18.75
C ILE C 122 -3.36 22.11 -19.90
N ASN C 123 -2.22 22.82 -19.95
CA ASN C 123 -1.92 23.62 -21.14
C ASN C 123 -1.92 22.76 -22.40
N GLU C 124 -1.57 21.48 -22.29
CA GLU C 124 -1.46 20.58 -23.42
C GLU C 124 -2.76 19.82 -23.72
N LEU C 125 -3.90 20.33 -23.24
CA LEU C 125 -5.18 19.66 -23.47
C LEU C 125 -5.52 19.60 -24.96
N PRO C 126 -6.17 18.55 -25.41
CA PRO C 126 -6.68 18.53 -26.79
C PRO C 126 -7.87 19.46 -26.94
N THR C 127 -8.13 19.82 -28.19
CA THR C 127 -9.28 20.67 -28.51
C THR C 127 -10.52 19.81 -28.75
N GLY D 3 33.68 -6.34 -7.69
CA GLY D 3 33.64 -5.15 -6.88
C GLY D 3 34.78 -4.17 -7.15
N ARG D 4 34.44 -2.98 -7.64
CA ARG D 4 35.42 -1.94 -7.91
C ARG D 4 35.76 -1.13 -6.66
N GLY D 5 34.82 -1.00 -5.73
CA GLY D 5 35.06 -0.26 -4.51
C GLY D 5 34.62 1.18 -4.58
N GLY D 7 35.52 3.18 -2.13
CA GLY D 7 36.56 3.86 -1.36
C GLY D 7 36.14 4.10 0.08
N GLY D 8 36.85 4.99 0.77
CA GLY D 8 36.51 5.34 2.13
C GLY D 8 35.37 6.33 2.22
N GLY D 10 34.69 7.82 5.33
CA GLY D 10 34.93 8.53 6.57
C GLY D 10 34.59 7.73 7.81
N SER E 2 -5.88 28.67 8.38
CA SER E 2 -6.98 28.86 9.32
C SER E 2 -7.09 27.68 10.28
N GLY E 3 -6.58 26.52 9.87
CA GLY E 3 -6.79 25.28 10.57
C GLY E 3 -5.59 24.79 11.36
N ARG E 4 -5.81 23.64 12.00
CA ARG E 4 -4.80 23.04 12.88
C ARG E 4 -3.56 22.64 12.09
N GLY E 5 -3.74 21.97 10.96
CA GLY E 5 -2.62 21.47 10.18
C GLY E 5 -2.41 19.98 10.43
N GLY E 7 0.82 18.57 10.24
CA GLY E 7 2.19 18.34 10.62
C GLY E 7 3.12 18.07 9.44
N GLY E 8 4.28 17.48 9.73
CA GLY E 8 5.28 17.23 8.70
C GLY E 8 4.85 16.15 7.73
N GLY E 10 7.34 14.58 5.60
CA GLY E 10 8.55 13.89 5.18
C GLY E 10 9.41 14.61 4.17
N LEU E 11 9.43 15.94 4.23
CA LEU E 11 10.23 16.76 3.32
C LEU E 11 11.55 17.17 3.94
#